data_4HEI
#
_entry.id   4HEI
#
_cell.length_a   46.354
_cell.length_b   46.354
_cell.length_c   174.492
_cell.angle_alpha   90.00
_cell.angle_beta   90.00
_cell.angle_gamma   90.00
#
_symmetry.space_group_name_H-M   'P 41 21 2'
#
loop_
_entity.id
_entity.type
_entity.pdbx_description
1 polymer 'RIBOSOME HIBERNATION PROTEIN YHBH'
2 non-polymer 'COBALT (III) ION'
3 non-polymer 'THIOCYANATE ION'
4 non-polymer 'UNKNOWN LIGAND'
5 water water
#
_entity_poly.entity_id   1
_entity_poly.type   'polypeptide(L)'
_entity_poly.pdbx_seq_one_letter_code
;MQINIQGHHIDLTDSMQDYVHSKFDKLERFFDHINHVQVILRVEKLRQIAEATLHVNQAEIHAHADDENMYAAIDSLVDK
LVRQLNKHKEKLSSH
;
_entity_poly.pdbx_strand_id   A,B
#
loop_
_chem_comp.id
_chem_comp.type
_chem_comp.name
_chem_comp.formula
3CO non-polymer 'COBALT (III) ION' 'Co 3'
SCN non-polymer 'THIOCYANATE ION' 'C N S -1'
UNL non-polymer 'UNKNOWN LIGAND' ?
#
# COMPACT_ATOMS: atom_id res chain seq x y z
N MET A 1 5.42 -12.90 5.89
CA MET A 1 5.20 -12.04 4.69
C MET A 1 3.92 -12.42 3.94
N GLN A 2 2.96 -11.50 3.92
CA GLN A 2 1.71 -11.71 3.21
C GLN A 2 1.68 -10.69 2.08
N ILE A 3 1.81 -11.18 0.85
CA ILE A 3 1.82 -10.31 -0.32
C ILE A 3 0.47 -10.17 -1.00
N ASN A 4 0.05 -8.94 -1.25
CA ASN A 4 -1.20 -8.69 -1.94
C ASN A 4 -0.84 -8.03 -3.27
N ILE A 5 -1.17 -8.70 -4.37
CA ILE A 5 -0.86 -8.17 -5.68
C ILE A 5 -2.14 -7.71 -6.36
N GLN A 6 -2.18 -6.46 -6.77
CA GLN A 6 -3.34 -5.90 -7.44
C GLN A 6 -2.94 -5.33 -8.80
N GLY A 7 -3.87 -5.39 -9.75
CA GLY A 7 -3.61 -4.86 -11.07
C GLY A 7 -4.59 -3.75 -11.38
N HIS A 8 -4.19 -2.83 -12.25
CA HIS A 8 -5.05 -1.72 -12.65
C HIS A 8 -4.82 -1.42 -14.13
N HIS A 9 -5.88 -1.51 -14.92
CA HIS A 9 -5.79 -1.26 -16.36
C HIS A 9 -4.74 -2.18 -16.97
N ILE A 10 -4.79 -3.45 -16.62
CA ILE A 10 -3.83 -4.42 -17.13
C ILE A 10 -4.37 -5.84 -17.02
N ASP A 11 -3.84 -6.73 -17.85
CA ASP A 11 -4.25 -8.11 -17.81
C ASP A 11 -3.31 -8.82 -16.85
N LEU A 12 -3.65 -8.80 -15.57
CA LEU A 12 -2.83 -9.44 -14.55
C LEU A 12 -2.85 -10.95 -14.78
N THR A 13 -1.71 -11.51 -15.14
CA THR A 13 -1.61 -12.94 -15.41
C THR A 13 -0.98 -13.71 -14.25
N ASP A 14 -1.16 -15.02 -14.24
CA ASP A 14 -0.60 -15.84 -13.18
C ASP A 14 0.93 -15.82 -13.27
N SER A 15 1.45 -15.60 -14.48
CA SER A 15 2.88 -15.54 -14.67
C SER A 15 3.45 -14.33 -13.93
N MET A 16 2.76 -13.19 -14.05
CA MET A 16 3.19 -11.98 -13.37
C MET A 16 3.19 -12.23 -11.87
N GLN A 17 2.08 -12.75 -11.37
CA GLN A 17 1.97 -13.02 -9.95
C GLN A 17 3.03 -14.03 -9.49
N ASP A 18 3.21 -15.09 -10.27
CA ASP A 18 4.22 -16.09 -9.93
C ASP A 18 5.60 -15.45 -9.89
N TYR A 19 5.89 -14.61 -10.87
CA TYR A 19 7.17 -13.94 -10.95
C TYR A 19 7.37 -13.04 -9.75
N VAL A 20 6.35 -12.25 -9.41
CA VAL A 20 6.44 -11.36 -8.26
C VAL A 20 6.74 -12.17 -7.01
N HIS A 21 5.99 -13.25 -6.82
CA HIS A 21 6.20 -14.10 -5.65
C HIS A 21 7.63 -14.64 -5.63
N SER A 22 8.13 -15.03 -6.80
CA SER A 22 9.48 -15.55 -6.91
C SER A 22 10.50 -14.53 -6.39
N LYS A 23 10.38 -13.29 -6.86
CA LYS A 23 11.29 -12.22 -6.45
C LYS A 23 11.25 -11.96 -4.94
N PHE A 24 10.06 -11.95 -4.36
CA PHE A 24 9.93 -11.71 -2.92
C PHE A 24 10.35 -12.88 -2.07
N ASP A 25 10.25 -14.10 -2.59
CA ASP A 25 10.70 -15.25 -1.83
C ASP A 25 12.23 -15.19 -1.69
N LYS A 26 12.91 -14.67 -2.71
CA LYS A 26 14.37 -14.57 -2.65
C LYS A 26 14.74 -13.47 -1.65
N LEU A 27 14.03 -12.36 -1.77
CA LEU A 27 14.24 -11.19 -0.92
C LEU A 27 14.12 -11.46 0.58
N GLU A 28 13.11 -12.24 0.99
CA GLU A 28 12.93 -12.49 2.41
C GLU A 28 14.07 -13.26 3.08
N ARG A 29 14.95 -13.85 2.27
CA ARG A 29 16.08 -14.58 2.83
C ARG A 29 17.13 -13.64 3.38
N PHE A 30 17.16 -12.40 2.87
CA PHE A 30 18.13 -11.41 3.30
C PHE A 30 17.55 -10.39 4.27
N PHE A 31 16.23 -10.20 4.18
CA PHE A 31 15.53 -9.26 5.05
C PHE A 31 14.38 -10.04 5.64
N ASP A 32 14.52 -10.45 6.90
CA ASP A 32 13.51 -11.28 7.56
C ASP A 32 12.46 -10.59 8.43
N HIS A 33 12.36 -9.27 8.35
CA HIS A 33 11.39 -8.54 9.15
C HIS A 33 10.28 -7.91 8.30
N ILE A 34 10.04 -8.52 7.15
CA ILE A 34 9.01 -8.07 6.21
C ILE A 34 7.65 -8.65 6.61
N ASN A 35 6.72 -7.77 6.98
CA ASN A 35 5.39 -8.21 7.38
C ASN A 35 4.45 -8.13 6.18
N HIS A 36 3.62 -7.10 6.10
CA HIS A 36 2.72 -6.99 4.96
C HIS A 36 3.41 -6.38 3.74
N VAL A 37 3.02 -6.86 2.57
CA VAL A 37 3.57 -6.36 1.32
C VAL A 37 2.44 -6.10 0.33
N GLN A 38 2.46 -4.92 -0.30
CA GLN A 38 1.47 -4.59 -1.30
C GLN A 38 2.21 -4.31 -2.60
N VAL A 39 1.67 -4.83 -3.70
CA VAL A 39 2.25 -4.62 -5.00
C VAL A 39 1.13 -4.24 -5.94
N ILE A 40 1.38 -3.22 -6.76
CA ILE A 40 0.40 -2.78 -7.74
C ILE A 40 1.07 -2.70 -9.10
N LEU A 41 0.48 -3.38 -10.07
CA LEU A 41 0.99 -3.39 -11.45
C LEU A 41 -0.06 -2.68 -12.27
N ARG A 42 0.35 -1.66 -13.02
CA ARG A 42 -0.60 -0.93 -13.83
C ARG A 42 0.04 -0.35 -15.07
N VAL A 43 -0.81 0.08 -16.00
CA VAL A 43 -0.35 0.65 -17.25
C VAL A 43 -0.85 2.07 -17.42
N GLU A 44 0.07 2.97 -17.77
CA GLU A 44 -0.24 4.37 -18.01
C GLU A 44 0.32 4.61 -19.41
N LYS A 45 -0.58 4.69 -20.38
CA LYS A 45 -0.23 4.86 -21.80
C LYS A 45 0.62 3.66 -22.23
N LEU A 46 1.90 3.87 -22.51
CA LEU A 46 2.79 2.79 -22.91
C LEU A 46 3.63 2.31 -21.73
N ARG A 47 3.62 3.10 -20.66
CA ARG A 47 4.40 2.78 -19.48
CA ARG A 47 4.38 2.80 -19.46
C ARG A 47 3.84 1.62 -18.66
N GLN A 48 4.71 0.68 -18.31
CA GLN A 48 4.32 -0.46 -17.51
C GLN A 48 4.86 -0.03 -16.14
N ILE A 49 3.96 0.05 -15.16
CA ILE A 49 4.36 0.52 -13.84
C ILE A 49 4.19 -0.51 -12.73
N ALA A 50 5.23 -0.66 -11.92
CA ALA A 50 5.19 -1.61 -10.79
C ALA A 50 5.42 -0.80 -9.53
N GLU A 51 4.51 -0.94 -8.57
CA GLU A 51 4.56 -0.24 -7.30
C GLU A 51 4.61 -1.23 -6.16
N ALA A 52 5.30 -0.87 -5.08
CA ALA A 52 5.37 -1.75 -3.92
C ALA A 52 5.58 -0.99 -2.62
N THR A 53 4.95 -1.49 -1.56
CA THR A 53 5.09 -0.93 -0.23
C THR A 53 5.35 -2.12 0.67
N LEU A 54 6.49 -2.10 1.35
CA LEU A 54 6.85 -3.17 2.25
C LEU A 54 6.76 -2.64 3.68
N HIS A 55 6.02 -3.34 4.52
CA HIS A 55 5.87 -2.94 5.91
C HIS A 55 6.79 -3.83 6.73
N VAL A 56 7.89 -3.23 7.21
CA VAL A 56 8.88 -3.94 7.99
C VAL A 56 8.86 -3.43 9.43
N ASN A 57 9.64 -4.07 10.29
CA ASN A 57 9.68 -3.67 11.69
C ASN A 57 10.01 -2.19 11.90
N GLN A 58 9.01 -1.45 12.36
CA GLN A 58 9.13 -0.03 12.63
C GLN A 58 9.44 0.86 11.43
N ALA A 59 9.05 0.43 10.23
CA ALA A 59 9.30 1.24 9.05
C ALA A 59 8.60 0.75 7.79
N GLU A 60 8.63 1.59 6.76
CA GLU A 60 8.04 1.28 5.47
C GLU A 60 9.06 1.52 4.39
N ILE A 61 9.02 0.67 3.38
CA ILE A 61 9.88 0.76 2.23
C ILE A 61 8.92 0.90 1.07
N HIS A 62 9.09 1.96 0.28
CA HIS A 62 8.20 2.20 -0.84
C HIS A 62 8.99 2.63 -2.07
N ALA A 63 8.55 2.14 -3.22
CA ALA A 63 9.17 2.49 -4.49
C ALA A 63 8.31 2.12 -5.68
N HIS A 64 8.56 2.79 -6.80
CA HIS A 64 7.87 2.54 -8.05
C HIS A 64 8.98 2.41 -9.09
N ALA A 65 8.68 1.71 -10.18
CA ALA A 65 9.62 1.54 -11.28
C ALA A 65 8.76 1.36 -12.53
N ASP A 66 9.21 1.88 -13.67
CA ASP A 66 8.44 1.71 -14.89
C ASP A 66 9.32 1.28 -16.05
N ASP A 67 8.68 0.68 -17.05
CA ASP A 67 9.41 0.18 -18.21
C ASP A 67 8.41 -0.11 -19.32
N GLU A 68 8.91 -0.35 -20.53
CA GLU A 68 8.01 -0.68 -21.62
C GLU A 68 7.55 -2.12 -21.41
N ASN A 69 8.34 -2.88 -20.64
CA ASN A 69 8.00 -4.27 -20.33
C ASN A 69 7.74 -4.43 -18.83
N MET A 70 6.59 -5.00 -18.47
CA MET A 70 6.22 -5.16 -17.06
C MET A 70 7.19 -6.00 -16.23
N TYR A 71 7.70 -7.09 -16.80
CA TYR A 71 8.62 -7.92 -16.05
C TYR A 71 9.91 -7.17 -15.77
N ALA A 72 10.34 -6.35 -16.72
CA ALA A 72 11.54 -5.54 -16.54
C ALA A 72 11.24 -4.48 -15.48
N ALA A 73 10.00 -3.99 -15.47
CA ALA A 73 9.59 -2.98 -14.49
C ALA A 73 9.69 -3.59 -13.09
N ILE A 74 9.20 -4.81 -12.94
CA ILE A 74 9.26 -5.49 -11.66
C ILE A 74 10.70 -5.69 -11.21
N ASP A 75 11.58 -6.07 -12.13
CA ASP A 75 12.98 -6.27 -11.76
C ASP A 75 13.59 -4.97 -11.28
N SER A 76 13.27 -3.87 -11.95
CA SER A 76 13.80 -2.58 -11.55
C SER A 76 13.26 -2.19 -10.18
N LEU A 77 11.98 -2.49 -9.95
CA LEU A 77 11.35 -2.18 -8.67
C LEU A 77 12.07 -2.90 -7.54
N VAL A 78 12.29 -4.20 -7.70
CA VAL A 78 12.96 -4.97 -6.68
C VAL A 78 14.36 -4.42 -6.38
N ASP A 79 15.09 -4.03 -7.43
CA ASP A 79 16.41 -3.47 -7.21
C ASP A 79 16.33 -2.22 -6.34
N LYS A 80 15.29 -1.41 -6.53
CA LYS A 80 15.12 -0.21 -5.72
C LYS A 80 14.77 -0.58 -4.27
N LEU A 81 13.91 -1.58 -4.11
CA LEU A 81 13.51 -2.02 -2.77
C LEU A 81 14.70 -2.60 -2.00
N VAL A 82 15.51 -3.39 -2.69
CA VAL A 82 16.68 -4.00 -2.07
C VAL A 82 17.64 -2.92 -1.57
N ARG A 83 17.86 -1.87 -2.36
CA ARG A 83 18.75 -0.78 -1.94
C ARG A 83 18.23 -0.16 -0.66
N GLN A 84 16.94 0.14 -0.64
CA GLN A 84 16.33 0.73 0.54
C GLN A 84 16.32 -0.22 1.74
N LEU A 85 16.12 -1.51 1.48
CA LEU A 85 16.12 -2.50 2.55
C LEU A 85 17.50 -2.64 3.18
N ASN A 86 18.54 -2.58 2.35
CA ASN A 86 19.91 -2.69 2.84
C ASN A 86 20.22 -1.50 3.73
N LYS A 87 19.79 -0.31 3.32
CA LYS A 87 20.02 0.89 4.10
C LYS A 87 19.26 0.77 5.44
N HIS A 88 17.99 0.40 5.36
CA HIS A 88 17.18 0.24 6.57
C HIS A 88 17.73 -0.87 7.47
N LYS A 89 18.29 -1.90 6.85
CA LYS A 89 18.85 -3.01 7.62
C LYS A 89 20.08 -2.51 8.34
N GLU A 90 20.77 -1.56 7.71
CA GLU A 90 21.98 -0.97 8.28
C GLU A 90 21.63 -0.22 9.55
N LYS A 91 20.63 0.67 9.45
CA LYS A 91 20.18 1.45 10.60
C LYS A 91 19.92 0.52 11.79
N LEU A 92 19.11 -0.49 11.56
CA LEU A 92 18.77 -1.45 12.60
C LEU A 92 20.02 -2.19 13.07
N MET B 1 -13.69 2.51 -7.11
CA MET B 1 -12.75 2.33 -5.97
C MET B 1 -12.72 0.88 -5.50
N GLN B 2 -11.52 0.32 -5.45
CA GLN B 2 -11.33 -1.06 -4.99
C GLN B 2 -10.54 -0.94 -3.70
N ILE B 3 -11.18 -1.28 -2.58
CA ILE B 3 -10.56 -1.18 -1.27
C ILE B 3 -10.15 -2.51 -0.64
N ASN B 4 -8.92 -2.58 -0.16
CA ASN B 4 -8.42 -3.79 0.47
C ASN B 4 -8.02 -3.46 1.89
N ILE B 5 -8.63 -4.15 2.84
CA ILE B 5 -8.36 -3.92 4.25
C ILE B 5 -7.65 -5.10 4.86
N GLN B 6 -6.50 -4.85 5.46
CA GLN B 6 -5.73 -5.90 6.11
C GLN B 6 -5.47 -5.56 7.57
N GLY B 7 -5.38 -6.58 8.40
CA GLY B 7 -5.12 -6.38 9.81
C GLY B 7 -3.82 -7.06 10.20
N HIS B 8 -3.17 -6.55 11.24
CA HIS B 8 -1.92 -7.12 11.72
C HIS B 8 -1.90 -7.02 13.24
N HIS B 9 -1.78 -8.17 13.91
CA HIS B 9 -1.76 -8.22 15.37
C HIS B 9 -3.00 -7.54 15.93
N ILE B 10 -4.15 -7.88 15.37
CA ILE B 10 -5.41 -7.30 15.81
C ILE B 10 -6.58 -8.18 15.43
N ASP B 11 -7.69 -8.02 16.14
CA ASP B 11 -8.88 -8.79 15.84
C ASP B 11 -9.70 -7.94 14.88
N LEU B 12 -9.45 -8.11 13.59
CA LEU B 12 -10.16 -7.34 12.58
C LEU B 12 -11.62 -7.74 12.52
N THR B 13 -12.44 -7.14 13.39
CA THR B 13 -13.87 -7.45 13.44
C THR B 13 -14.61 -6.91 12.24
N ASP B 14 -15.82 -7.42 12.00
CA ASP B 14 -16.61 -6.95 10.87
C ASP B 14 -17.03 -5.51 11.10
N SER B 15 -17.13 -5.11 12.37
CA SER B 15 -17.50 -3.74 12.70
C SER B 15 -16.40 -2.80 12.23
N MET B 16 -15.14 -3.17 12.46
CA MET B 16 -14.03 -2.33 12.03
C MET B 16 -14.07 -2.21 10.52
N GLN B 17 -14.19 -3.34 9.83
CA GLN B 17 -14.23 -3.32 8.38
C GLN B 17 -15.43 -2.53 7.87
N ASP B 18 -16.59 -2.73 8.48
CA ASP B 18 -17.78 -2.00 8.07
C ASP B 18 -17.54 -0.49 8.26
N TYR B 19 -16.97 -0.13 9.40
CA TYR B 19 -16.69 1.27 9.71
C TYR B 19 -15.73 1.85 8.67
N VAL B 20 -14.66 1.13 8.38
CA VAL B 20 -13.69 1.60 7.40
C VAL B 20 -14.39 1.83 6.07
N HIS B 21 -15.18 0.85 5.65
CA HIS B 21 -15.92 0.96 4.40
C HIS B 21 -16.80 2.20 4.40
N SER B 22 -17.46 2.44 5.53
CA SER B 22 -18.34 3.59 5.69
C SER B 22 -17.59 4.90 5.43
N LYS B 23 -16.44 5.05 6.08
CA LYS B 23 -15.63 6.25 5.94
C LYS B 23 -15.17 6.49 4.50
N PHE B 24 -14.75 5.43 3.82
CA PHE B 24 -14.29 5.56 2.44
C PHE B 24 -15.40 5.73 1.42
N ASP B 25 -16.53 5.05 1.62
CA ASP B 25 -17.63 5.17 0.68
C ASP B 25 -17.96 6.65 0.54
N LYS B 26 -17.80 7.37 1.64
CA LYS B 26 -18.06 8.81 1.65
C LYS B 26 -17.00 9.53 0.83
N LEU B 27 -15.75 9.15 1.05
CA LEU B 27 -14.64 9.76 0.32
C LEU B 27 -14.84 9.56 -1.18
N GLU B 28 -15.18 8.33 -1.56
CA GLU B 28 -15.42 7.98 -2.95
C GLU B 28 -16.50 8.87 -3.56
N ARG B 29 -17.33 9.47 -2.71
CA ARG B 29 -18.40 10.34 -3.17
C ARG B 29 -18.05 11.82 -3.05
N PHE B 30 -16.93 12.12 -2.41
CA PHE B 30 -16.48 13.50 -2.23
C PHE B 30 -15.25 13.79 -3.09
N PHE B 31 -14.73 12.75 -3.73
CA PHE B 31 -13.55 12.87 -4.58
C PHE B 31 -13.78 11.95 -5.77
N ASP B 32 -13.39 12.40 -6.96
CA ASP B 32 -13.64 11.63 -8.17
C ASP B 32 -12.55 10.81 -8.83
N HIS B 33 -11.35 10.77 -8.30
CA HIS B 33 -10.30 9.99 -8.96
C HIS B 33 -9.67 8.92 -8.09
N ILE B 34 -10.41 8.39 -7.13
CA ILE B 34 -9.84 7.37 -6.26
C ILE B 34 -9.96 5.98 -6.90
N ASN B 35 -8.82 5.39 -7.24
CA ASN B 35 -8.81 4.07 -7.84
C ASN B 35 -8.60 3.02 -6.75
N HIS B 36 -7.40 2.48 -6.62
CA HIS B 36 -7.16 1.48 -5.59
C HIS B 36 -6.91 2.12 -4.23
N VAL B 37 -7.39 1.45 -3.19
CA VAL B 37 -7.22 1.91 -1.82
C VAL B 37 -6.75 0.76 -0.95
N GLN B 38 -5.72 1.01 -0.14
CA GLN B 38 -5.23 -0.01 0.78
C GLN B 38 -5.33 0.57 2.18
N VAL B 39 -5.78 -0.25 3.12
CA VAL B 39 -5.89 0.18 4.50
C VAL B 39 -5.30 -0.93 5.35
N ILE B 40 -4.50 -0.55 6.34
CA ILE B 40 -3.91 -1.50 7.26
C ILE B 40 -4.19 -1.05 8.68
N LEU B 41 -4.77 -1.95 9.47
CA LEU B 41 -5.08 -1.67 10.87
C LEU B 41 -4.20 -2.60 11.67
N ARG B 42 -3.43 -2.05 12.60
CA ARG B 42 -2.56 -2.88 13.41
C ARG B 42 -2.33 -2.31 14.79
N VAL B 43 -1.77 -3.13 15.66
CA VAL B 43 -1.50 -2.74 17.03
C VAL B 43 -0.02 -2.87 17.36
N GLU B 44 0.53 -1.84 17.99
CA GLU B 44 1.92 -1.86 18.41
C GLU B 44 1.88 -1.35 19.84
N LYS B 45 1.92 -2.28 20.79
CA LYS B 45 1.85 -1.95 22.20
C LYS B 45 0.45 -1.45 22.52
N LEU B 46 0.34 -0.28 23.13
CA LEU B 46 -0.98 0.24 23.47
C LEU B 46 -1.50 1.21 22.42
N ARG B 47 -0.84 1.25 21.27
CA ARG B 47 -1.25 2.16 20.21
C ARG B 47 -2.00 1.46 19.07
N GLN B 48 -3.15 2.02 18.73
CA GLN B 48 -3.97 1.51 17.64
C GLN B 48 -3.53 2.29 16.41
N ILE B 49 -3.03 1.58 15.41
CA ILE B 49 -2.54 2.23 14.20
C ILE B 49 -3.36 1.99 12.96
N ALA B 50 -3.70 3.06 12.26
CA ALA B 50 -4.49 2.94 11.03
C ALA B 50 -3.66 3.57 9.92
N GLU B 51 -3.43 2.79 8.85
CA GLU B 51 -2.66 3.25 7.70
C GLU B 51 -3.50 3.18 6.44
N ALA B 52 -3.27 4.09 5.51
CA ALA B 52 -4.00 4.08 4.25
C ALA B 52 -3.22 4.70 3.11
N THR B 53 -3.41 4.12 1.93
CA THR B 53 -2.79 4.61 0.70
C THR B 53 -3.91 4.66 -0.33
N LEU B 54 -4.17 5.85 -0.88
CA LEU B 54 -5.19 6.04 -1.90
C LEU B 54 -4.44 6.37 -3.18
N HIS B 55 -4.67 5.59 -4.22
CA HIS B 55 -4.01 5.83 -5.49
C HIS B 55 -4.95 6.65 -6.33
N VAL B 56 -4.58 7.90 -6.59
CA VAL B 56 -5.42 8.79 -7.39
C VAL B 56 -4.76 9.14 -8.72
N ASN B 57 -5.24 10.22 -9.34
CA ASN B 57 -4.71 10.63 -10.63
C ASN B 57 -3.33 11.29 -10.53
N GLN B 58 -2.31 10.56 -10.98
CA GLN B 58 -0.93 11.02 -10.97
C GLN B 58 -0.36 11.28 -9.58
N ALA B 59 -0.85 10.56 -8.58
CA ALA B 59 -0.37 10.74 -7.22
C ALA B 59 -0.95 9.71 -6.26
N GLU B 60 -0.35 9.64 -5.08
CA GLU B 60 -0.79 8.75 -4.02
C GLU B 60 -1.00 9.53 -2.74
N ILE B 61 -2.15 9.33 -2.10
CA ILE B 61 -2.49 9.99 -0.84
C ILE B 61 -2.20 8.98 0.26
N HIS B 62 -1.12 9.21 0.99
CA HIS B 62 -0.67 8.27 2.01
C HIS B 62 -0.58 8.92 3.40
N ALA B 63 -1.09 8.21 4.41
CA ALA B 63 -1.05 8.73 5.77
C ALA B 63 -1.26 7.63 6.81
N HIS B 64 -0.78 7.90 8.02
CA HIS B 64 -0.93 6.99 9.15
C HIS B 64 -1.48 7.85 10.29
N ALA B 65 -2.16 7.22 11.23
CA ALA B 65 -2.70 7.90 12.40
C ALA B 65 -2.75 6.86 13.52
N ASP B 66 -2.53 7.28 14.75
CA ASP B 66 -2.59 6.36 15.86
C ASP B 66 -3.40 6.95 17.01
N ASP B 67 -3.89 6.08 17.88
CA ASP B 67 -4.71 6.49 19.02
C ASP B 67 -4.88 5.30 19.92
N GLU B 68 -5.37 5.53 21.14
CA GLU B 68 -5.56 4.42 22.07
C GLU B 68 -6.76 3.57 21.65
N ASN B 69 -7.62 4.16 20.83
CA ASN B 69 -8.82 3.49 20.31
C ASN B 69 -8.75 3.42 18.77
N MET B 70 -8.92 2.23 18.22
CA MET B 70 -8.83 2.04 16.77
C MET B 70 -9.82 2.86 15.94
N TYR B 71 -11.06 2.97 16.40
CA TYR B 71 -12.04 3.74 15.66
C TYR B 71 -11.66 5.21 15.62
N ALA B 72 -11.10 5.70 16.72
CA ALA B 72 -10.65 7.09 16.80
C ALA B 72 -9.44 7.23 15.87
N ALA B 73 -8.62 6.18 15.79
CA ALA B 73 -7.44 6.21 14.92
C ALA B 73 -7.91 6.35 13.47
N ILE B 74 -8.92 5.58 13.10
CA ILE B 74 -9.44 5.64 11.75
C ILE B 74 -10.00 7.02 11.44
N ASP B 75 -10.71 7.61 12.41
CA ASP B 75 -11.26 8.95 12.20
C ASP B 75 -10.16 9.95 11.94
N SER B 76 -9.09 9.85 12.71
CA SER B 76 -7.96 10.77 12.56
C SER B 76 -7.30 10.54 11.20
N LEU B 77 -7.19 9.28 10.78
CA LEU B 77 -6.58 8.95 9.50
C LEU B 77 -7.36 9.61 8.38
N VAL B 78 -8.68 9.46 8.38
CA VAL B 78 -9.50 10.04 7.34
C VAL B 78 -9.35 11.57 7.29
N ASP B 79 -9.29 12.21 8.45
CA ASP B 79 -9.11 13.65 8.47
C ASP B 79 -7.80 14.04 7.77
N LYS B 80 -6.75 13.23 7.95
CA LYS B 80 -5.48 13.51 7.30
C LYS B 80 -5.58 13.29 5.78
N LEU B 81 -6.27 12.22 5.38
CA LEU B 81 -6.44 11.92 3.97
C LEU B 81 -7.26 13.02 3.28
N VAL B 82 -8.33 13.48 3.92
CA VAL B 82 -9.17 14.52 3.36
C VAL B 82 -8.37 15.80 3.13
N ARG B 83 -7.54 16.16 4.10
CA ARG B 83 -6.72 17.35 3.98
C ARG B 83 -5.86 17.26 2.72
N GLN B 84 -5.18 16.12 2.58
CA GLN B 84 -4.33 15.88 1.42
C GLN B 84 -5.12 15.85 0.12
N LEU B 85 -6.27 15.18 0.15
CA LEU B 85 -7.11 15.08 -1.04
C LEU B 85 -7.57 16.44 -1.52
N ASN B 86 -7.89 17.32 -0.58
CA ASN B 86 -8.34 18.67 -0.92
C ASN B 86 -7.20 19.46 -1.57
N LYS B 87 -6.04 19.44 -0.93
CA LYS B 87 -4.87 20.15 -1.45
C LYS B 87 -4.60 19.66 -2.86
N HIS B 88 -4.78 18.37 -3.05
CA HIS B 88 -4.53 17.75 -4.36
C HIS B 88 -5.53 18.18 -5.44
N LYS B 89 -6.82 17.99 -5.16
CA LYS B 89 -7.86 18.35 -6.12
C LYS B 89 -7.75 19.82 -6.51
N GLU B 90 -7.32 20.63 -5.55
CA GLU B 90 -7.18 22.07 -5.76
C GLU B 90 -6.08 22.35 -6.78
N LYS B 91 -4.83 22.08 -6.39
CA LYS B 91 -3.69 22.30 -7.28
CO 3CO C . 3.28 4.03 -4.45
CO 3CO D . 2.58 -0.21 7.69
S SCN E . 1.80 -0.32 -3.30
C SCN E . 2.28 1.35 -3.68
N SCN E . 2.61 2.40 -3.91
O1 UNL F . 7.58 4.84 -12.11
O1 UNL G . 16.70 4.86 1.46
O1 UNL H . 19.71 1.00 -12.32
O1 UNL I . -4.20 -14.55 -5.98
O1 UNL J . 20.18 -9.99 -7.73
CO 3CO K . -0.22 3.78 -7.10
S SCN L . -1.58 1.23 3.47
C SCN L . -0.15 2.12 4.10
N SCN L . 0.74 2.70 4.49
S SCN M . 2.00 -4.68 9.02
C SCN M . 2.12 -2.90 8.76
N SCN M . 2.21 -1.78 8.60
S SCN N . -4.09 1.85 -9.06
C SCN N . -2.52 2.54 -8.55
N SCN N . -1.53 2.98 -8.22
O1 UNL O . -9.07 12.40 -6.13
S SCN P . 5.85 2.47 9.68
C SCN P . 4.76 1.23 8.94
N SCN P . 4.08 0.46 8.46
S SCN Q . 1.48 7.51 -8.58
C SCN Q . 0.23 6.30 -8.16
N SCN Q . -0.58 5.56 -7.90
CO 3CO R . 2.13 3.61 5.13
O1 UNL S . -3.72 16.84 9.24
#